data_6T0J
#
_entry.id   6T0J
#
_cell.length_a   51.540
_cell.length_b   75.110
_cell.length_c   56.590
_cell.angle_alpha   90.000
_cell.angle_beta   106.840
_cell.angle_gamma   90.000
#
_symmetry.space_group_name_H-M   'P 1 21 1'
#
loop_
_entity.id
_entity.type
_entity.pdbx_description
1 polymer 'Methyl-branched lipid omega-hydroxylase'
2 non-polymer 'PROTOPORPHYRIN IX CONTAINING FE'
3 non-polymer "N-[(2Z)-3,7-dimethylocta-2,6-dien-1-yl]-N'-[(1R,3S,5R,7R)-tricyclo[3.3.1.1~3,7~]dec-2-yl]ethane-1,2-diamine"
4 non-polymer GLYCEROL
5 non-polymer 2-AMINO-2-HYDROXYMETHYL-PROPANE-1,3-DIOL
6 non-polymer 'MAGNESIUM ION'
7 non-polymer 'FORMIC ACID'
8 water water
#
_entity_poly.entity_id   1
_entity_poly.type   'polypeptide(L)'
_entity_poly.pdbx_seq_one_letter_code
;MHHHHHHMGLNTAIATRVNGTPPPEVPIADIELGSLDFWALDDDVRDGAFATLRREAPISFWPTIELPGFVAGNGHWALT
KYDDVFYASRHPDIFSSYPNITINDQTPELAEYFGSMIVLDDPRHQRLRSIVSRAFTPKVVARIEAAVRDRAHRLVSSMI
ANNPDRQADLVSELAGPLPLQIICDMMGIPKADHQRIFHWTNVILGFGDPDLATDFDEFMQVSADIGAYATALAEDRRVN
HHDDLTSSLVEAEVDGERLSSREIASFFILLVVAGNETTRNAITHGVLALSRYPEQRDRWWSDFDGLAPTAVEEIVRWAS
PVVYMRRTLTQDIELRGTKMAAGDKVSLWYCSANRDESKFADPWTFDLARNPNPHLGFGGGGAHFCLGANLARREIRVAF
DELRRQMPDVVATEEPARLLSQFIHGIKTLPVTWS
;
_entity_poly.pdbx_strand_id   A
#
loop_
_chem_comp.id
_chem_comp.type
_chem_comp.name
_chem_comp.formula
FMT non-polymer 'FORMIC ACID' 'C H2 O2'
GOL non-polymer GLYCEROL 'C3 H8 O3'
HEM non-polymer 'PROTOPORPHYRIN IX CONTAINING FE' 'C34 H32 Fe N4 O4'
MG non-polymer 'MAGNESIUM ION' 'Mg 2'
RWZ non-polymer N-[(2Z)-3,7-dimethylocta-2,6-dien-1-yl]-N'-[(1R,3S,5R,7R)-tricyclo[3.3.1.1~3,7~]dec-2-yl]ethane-1,2-diamine 'C22 H38 N2'
TRS non-polymer 2-AMINO-2-HYDROXYMETHYL-PROPANE-1,3-DIOL 'C4 H12 N O3 1'
#
# COMPACT_ATOMS: atom_id res chain seq x y z
N HIS A 7 -10.28 -27.61 -16.47
CA HIS A 7 -10.93 -26.81 -15.41
C HIS A 7 -12.13 -26.06 -15.96
N MET A 8 -13.10 -25.76 -15.10
CA MET A 8 -14.24 -24.96 -15.52
C MET A 8 -13.83 -23.51 -15.71
N GLY A 9 -14.54 -22.81 -16.59
CA GLY A 9 -14.34 -21.40 -16.82
C GLY A 9 -13.90 -21.10 -18.24
N LEU A 10 -13.39 -19.88 -18.43
CA LEU A 10 -12.95 -19.43 -19.75
C LEU A 10 -11.62 -20.11 -20.10
N ASN A 11 -11.46 -20.47 -21.37
CA ASN A 11 -10.33 -21.32 -21.81
C ASN A 11 -8.94 -20.74 -21.55
N THR A 12 -8.82 -19.43 -21.57
CA THR A 12 -7.50 -18.82 -21.40
C THR A 12 -7.24 -18.40 -19.96
N ALA A 13 -8.06 -18.83 -19.02
CA ALA A 13 -7.86 -18.42 -17.65
C ALA A 13 -6.58 -19.04 -17.09
N ILE A 14 -5.96 -18.31 -16.16
CA ILE A 14 -4.79 -18.85 -15.48
C ILE A 14 -5.14 -20.11 -14.71
N ALA A 15 -4.09 -20.84 -14.33
CA ALA A 15 -4.26 -22.05 -13.55
C ALA A 15 -4.84 -21.70 -12.19
N THR A 16 -5.74 -22.55 -11.72
CA THR A 16 -6.19 -22.45 -10.34
C THR A 16 -5.18 -23.12 -9.42
N ARG A 17 -5.35 -22.88 -8.12
CA ARG A 17 -4.52 -23.48 -7.10
C ARG A 17 -5.38 -24.13 -6.04
N VAL A 18 -4.80 -25.11 -5.34
CA VAL A 18 -5.45 -25.74 -4.20
C VAL A 18 -5.35 -24.80 -3.00
N ASN A 19 -6.48 -24.31 -2.53
CA ASN A 19 -6.46 -23.37 -1.42
C ASN A 19 -5.92 -24.08 -0.18
N GLY A 20 -5.17 -23.35 0.64
CA GLY A 20 -4.61 -23.88 1.88
C GLY A 20 -3.25 -24.51 1.77
N THR A 21 -2.70 -24.63 0.56
CA THR A 21 -1.41 -25.31 0.40
C THR A 21 -0.29 -24.41 0.87
N PRO A 22 0.52 -24.80 1.85
CA PRO A 22 1.66 -23.96 2.22
C PRO A 22 2.73 -24.05 1.15
N PRO A 23 3.46 -22.96 0.89
CA PRO A 23 4.61 -23.08 0.02
C PRO A 23 5.74 -23.81 0.73
N PRO A 24 6.61 -24.49 0.01
CA PRO A 24 7.78 -25.08 0.65
C PRO A 24 8.61 -23.99 1.31
N GLU A 25 9.11 -24.29 2.50
CA GLU A 25 10.08 -23.38 3.12
C GLU A 25 11.39 -23.43 2.34
N VAL A 26 12.12 -22.31 2.39
CA VAL A 26 13.28 -22.08 1.55
C VAL A 26 14.53 -22.18 2.43
N PRO A 27 15.60 -22.86 2.01
CA PRO A 27 16.81 -22.89 2.84
C PRO A 27 17.31 -21.48 3.13
N ILE A 28 17.74 -21.26 4.37
CA ILE A 28 18.08 -19.90 4.77
C ILE A 28 19.28 -19.36 3.99
N ALA A 29 20.16 -20.24 3.48
CA ALA A 29 21.28 -19.76 2.67
C ALA A 29 20.83 -19.17 1.35
N ASP A 30 19.59 -19.41 0.92
CA ASP A 30 19.07 -18.89 -0.34
C ASP A 30 18.27 -17.60 -0.14
N ILE A 31 18.24 -17.06 1.06
CA ILE A 31 17.46 -15.86 1.38
C ILE A 31 18.41 -14.67 1.52
N GLU A 32 18.17 -13.61 0.73
N GLU A 32 18.18 -13.61 0.72
CA GLU A 32 19.01 -12.40 0.79
CA GLU A 32 19.00 -12.40 0.81
C GLU A 32 18.08 -11.20 0.70
C GLU A 32 18.08 -11.20 0.70
N LEU A 33 17.60 -10.74 1.86
CA LEU A 33 16.71 -9.59 1.87
C LEU A 33 17.42 -8.32 1.42
N GLY A 34 18.74 -8.31 1.44
CA GLY A 34 19.52 -7.18 0.99
C GLY A 34 19.85 -7.17 -0.49
N SER A 35 19.26 -8.05 -1.28
CA SER A 35 19.56 -8.14 -2.70
C SER A 35 18.29 -7.92 -3.52
N LEU A 36 18.38 -7.05 -4.52
N LEU A 36 18.40 -7.08 -4.54
CA LEU A 36 17.23 -6.85 -5.39
CA LEU A 36 17.27 -6.82 -5.42
C LEU A 36 16.83 -8.14 -6.10
C LEU A 36 16.85 -8.10 -6.14
N ASP A 37 17.79 -9.00 -6.39
CA ASP A 37 17.49 -10.28 -7.03
C ASP A 37 16.48 -11.07 -6.22
N PHE A 38 16.55 -10.99 -4.89
CA PHE A 38 15.60 -11.72 -4.06
C PHE A 38 14.18 -11.21 -4.28
N TRP A 39 14.01 -9.90 -4.41
CA TRP A 39 12.67 -9.30 -4.60
C TRP A 39 12.08 -9.60 -5.96
N ALA A 40 12.90 -10.06 -6.92
CA ALA A 40 12.40 -10.52 -8.21
C ALA A 40 11.87 -11.95 -8.17
N LEU A 41 12.18 -12.73 -7.14
CA LEU A 41 11.67 -14.10 -7.09
C LEU A 41 10.15 -14.11 -6.93
N ASP A 42 9.50 -15.21 -7.30
N ASP A 42 9.57 -15.24 -7.33
CA ASP A 42 8.04 -15.19 -7.24
CA ASP A 42 8.14 -15.50 -7.25
C ASP A 42 7.54 -15.28 -5.79
C ASP A 42 7.65 -15.39 -5.81
N ASP A 43 6.24 -15.02 -5.61
N ASP A 43 6.36 -15.12 -5.67
CA ASP A 43 5.66 -14.96 -4.28
CA ASP A 43 5.79 -14.93 -4.35
C ASP A 43 5.79 -16.26 -3.51
C ASP A 43 5.71 -16.23 -3.56
N ASP A 44 5.74 -17.42 -4.20
N ASP A 44 5.74 -17.40 -4.22
CA ASP A 44 5.83 -18.69 -3.49
CA ASP A 44 5.83 -18.65 -3.47
C ASP A 44 7.20 -18.84 -2.81
C ASP A 44 7.19 -18.78 -2.79
N VAL A 45 8.26 -18.43 -3.50
CA VAL A 45 9.58 -18.44 -2.91
C VAL A 45 9.69 -17.40 -1.82
N ARG A 46 9.20 -16.18 -2.07
CA ARG A 46 9.26 -15.13 -1.05
C ARG A 46 8.51 -15.56 0.20
N ASP A 47 7.31 -16.11 0.03
CA ASP A 47 6.50 -16.53 1.17
C ASP A 47 7.20 -17.65 1.94
N GLY A 48 7.77 -18.62 1.22
CA GLY A 48 8.48 -19.69 1.88
C GLY A 48 9.74 -19.21 2.59
N ALA A 49 10.37 -18.15 2.07
CA ALA A 49 11.53 -17.57 2.73
C ALA A 49 11.15 -16.90 4.04
N PHE A 50 10.06 -16.11 4.04
CA PHE A 50 9.63 -15.54 5.32
C PHE A 50 9.17 -16.62 6.29
N ALA A 51 8.65 -17.76 5.79
CA ALA A 51 8.30 -18.85 6.68
C ALA A 51 9.55 -19.40 7.35
N THR A 52 10.63 -19.57 6.58
CA THR A 52 11.89 -20.01 7.19
C THR A 52 12.37 -19.03 8.25
N LEU A 53 12.30 -17.73 7.98
CA LEU A 53 12.75 -16.75 8.95
C LEU A 53 11.90 -16.80 10.20
N ARG A 54 10.58 -16.89 10.08
CA ARG A 54 9.74 -16.97 11.27
C ARG A 54 10.13 -18.16 12.13
N ARG A 55 10.48 -19.28 11.49
CA ARG A 55 10.84 -20.48 12.21
C ARG A 55 12.25 -20.43 12.81
N GLU A 56 13.25 -20.03 12.01
N GLU A 56 13.23 -20.04 12.01
CA GLU A 56 14.65 -20.21 12.33
CA GLU A 56 14.66 -20.20 12.32
C GLU A 56 15.37 -18.94 12.75
C GLU A 56 15.33 -18.92 12.80
N ALA A 57 14.87 -17.76 12.38
CA ALA A 57 15.56 -16.49 12.64
C ALA A 57 14.53 -15.38 12.69
N PRO A 58 13.63 -15.42 13.67
CA PRO A 58 12.51 -14.47 13.65
C PRO A 58 12.93 -13.02 13.73
N ILE A 59 14.07 -12.74 14.36
CA ILE A 59 14.75 -11.45 14.23
C ILE A 59 16.12 -11.72 13.64
N SER A 60 16.44 -11.01 12.56
N SER A 60 16.42 -11.04 12.54
CA SER A 60 17.70 -11.24 11.85
CA SER A 60 17.65 -11.23 11.78
C SER A 60 18.13 -9.93 11.21
C SER A 60 18.16 -9.86 11.36
N PHE A 61 19.43 -9.80 10.98
CA PHE A 61 20.02 -8.58 10.47
C PHE A 61 20.37 -8.71 9.00
N TRP A 62 20.10 -7.65 8.24
CA TRP A 62 20.36 -7.64 6.81
C TRP A 62 20.97 -6.32 6.37
N PRO A 63 21.83 -6.33 5.37
N PRO A 63 21.87 -6.34 5.40
CA PRO A 63 22.28 -5.07 4.79
CA PRO A 63 22.29 -5.09 4.77
C PRO A 63 21.15 -4.44 3.99
C PRO A 63 21.14 -4.44 4.02
N THR A 64 21.21 -3.12 3.91
CA THR A 64 20.20 -2.38 3.19
C THR A 64 20.46 -2.49 1.70
N ILE A 65 19.38 -2.58 0.91
N ILE A 65 19.38 -2.60 0.93
CA ILE A 65 19.51 -2.72 -0.53
CA ILE A 65 19.48 -2.70 -0.52
C ILE A 65 20.11 -1.45 -1.12
C ILE A 65 20.15 -1.45 -1.09
N GLU A 66 20.94 -1.64 -2.14
CA GLU A 66 21.55 -0.55 -2.87
C GLU A 66 20.69 -0.21 -4.07
N LEU A 67 20.31 1.05 -4.20
CA LEU A 67 19.62 1.55 -5.37
C LEU A 67 20.32 2.82 -5.85
N PRO A 68 20.37 3.06 -7.16
CA PRO A 68 21.14 4.19 -7.67
C PRO A 68 20.71 5.52 -7.07
N GLY A 69 21.68 6.27 -6.54
CA GLY A 69 21.43 7.58 -6.00
C GLY A 69 20.95 7.61 -4.57
N PHE A 70 20.50 6.49 -4.03
CA PHE A 70 20.09 6.41 -2.64
C PHE A 70 21.27 5.91 -1.79
N VAL A 71 21.25 6.28 -0.52
CA VAL A 71 22.31 5.91 0.41
C VAL A 71 21.75 4.78 1.28
N ALA A 72 22.31 3.58 1.14
CA ALA A 72 21.86 2.46 1.95
C ALA A 72 22.15 2.69 3.43
N GLY A 73 23.36 3.08 3.77
CA GLY A 73 23.71 3.31 5.16
C GLY A 73 23.71 2.00 5.93
N ASN A 74 23.35 2.11 7.20
CA ASN A 74 23.38 0.95 8.08
C ASN A 74 22.30 -0.07 7.69
N GLY A 75 22.54 -1.33 8.03
CA GLY A 75 21.59 -2.40 7.85
C GLY A 75 20.45 -2.31 8.84
N HIS A 76 19.65 -3.39 8.89
CA HIS A 76 18.43 -3.35 9.68
C HIS A 76 18.11 -4.70 10.30
N TRP A 77 17.46 -4.64 11.46
CA TRP A 77 16.90 -5.80 12.12
C TRP A 77 15.50 -6.08 11.59
N ALA A 78 15.32 -7.26 11.00
CA ALA A 78 14.05 -7.65 10.39
C ALA A 78 13.16 -8.38 11.40
N LEU A 79 12.01 -7.78 11.70
CA LEU A 79 10.99 -8.42 12.52
C LEU A 79 9.98 -9.11 11.62
N THR A 80 9.95 -10.43 11.68
CA THR A 80 9.09 -11.22 10.82
C THR A 80 7.91 -11.86 11.54
N LYS A 81 7.87 -11.81 12.88
CA LYS A 81 6.78 -12.39 13.65
C LYS A 81 5.73 -11.34 13.96
N TYR A 82 4.46 -11.75 13.85
CA TYR A 82 3.32 -10.87 14.13
C TYR A 82 3.48 -10.13 15.46
N ASP A 83 3.78 -10.84 16.54
N ASP A 83 3.80 -10.84 16.54
CA ASP A 83 3.80 -10.19 17.85
CA ASP A 83 3.79 -10.22 17.87
C ASP A 83 4.84 -9.09 17.91
C ASP A 83 4.87 -9.16 18.00
N ASP A 84 5.99 -9.30 17.28
CA ASP A 84 7.04 -8.28 17.32
C ASP A 84 6.67 -7.07 16.48
N VAL A 85 6.07 -7.29 15.31
CA VAL A 85 5.62 -6.17 14.49
C VAL A 85 4.55 -5.37 15.22
N PHE A 86 3.62 -6.07 15.87
N PHE A 86 3.62 -6.09 15.86
CA PHE A 86 2.58 -5.39 16.64
CA PHE A 86 2.56 -5.49 16.67
C PHE A 86 3.19 -4.60 17.79
C PHE A 86 3.16 -4.64 17.80
N TYR A 87 4.09 -5.23 18.57
CA TYR A 87 4.72 -4.53 19.67
C TYR A 87 5.45 -3.27 19.18
N ALA A 88 6.26 -3.42 18.13
CA ALA A 88 7.03 -2.27 17.67
C ALA A 88 6.11 -1.15 17.24
N SER A 89 5.01 -1.48 16.55
CA SER A 89 4.08 -0.47 16.07
C SER A 89 3.45 0.30 17.22
N ARG A 90 3.21 -0.34 18.35
N ARG A 90 3.23 -0.35 18.35
CA ARG A 90 2.50 0.26 19.46
CA ARG A 90 2.51 0.22 19.48
C ARG A 90 3.42 0.96 20.45
C ARG A 90 3.46 0.71 20.58
N HIS A 91 4.73 0.94 20.24
CA HIS A 91 5.69 1.57 21.15
C HIS A 91 6.54 2.56 20.39
N PRO A 92 5.93 3.64 19.89
CA PRO A 92 6.68 4.60 19.06
C PRO A 92 7.69 5.41 19.85
N ASP A 93 7.57 5.49 21.16
N ASP A 93 7.46 5.56 21.14
CA ASP A 93 8.62 6.13 21.95
CA ASP A 93 8.49 5.99 22.10
C ASP A 93 9.91 5.35 21.92
C ASP A 93 9.84 5.37 21.77
N ILE A 94 9.87 4.05 21.62
CA ILE A 94 11.07 3.26 21.43
C ILE A 94 11.39 3.09 19.94
N PHE A 95 10.38 2.85 19.12
CA PHE A 95 10.51 2.57 17.68
C PHE A 95 10.03 3.81 16.93
N SER A 96 10.96 4.74 16.69
CA SER A 96 10.63 6.03 16.13
C SER A 96 10.45 5.96 14.61
N SER A 97 9.54 6.81 14.11
CA SER A 97 9.36 6.97 12.67
C SER A 97 10.30 7.99 12.06
N TYR A 98 11.08 8.69 12.91
CA TYR A 98 12.12 9.60 12.47
C TYR A 98 13.44 8.84 12.44
N PRO A 99 14.29 8.97 11.40
CA PRO A 99 14.17 9.92 10.29
C PRO A 99 13.50 9.45 9.01
N ASN A 100 13.20 8.16 8.91
N ASN A 100 13.23 8.15 8.88
CA ASN A 100 12.65 7.64 7.66
CA ASN A 100 12.66 7.63 7.65
C ASN A 100 11.90 6.35 7.91
C ASN A 100 11.82 6.39 7.97
N ILE A 101 10.93 6.04 7.05
CA ILE A 101 10.15 4.81 7.18
C ILE A 101 10.43 3.78 6.08
N THR A 102 11.39 4.03 5.20
CA THR A 102 12.02 2.99 4.41
C THR A 102 13.44 2.77 4.93
N ILE A 103 14.07 1.70 4.47
N ILE A 103 14.08 1.68 4.49
CA ILE A 103 15.30 1.26 5.09
CA ILE A 103 15.33 1.27 5.13
C ILE A 103 16.45 2.22 4.76
C ILE A 103 16.54 2.10 4.69
N ASN A 104 16.49 2.74 3.53
CA ASN A 104 17.56 3.65 3.16
C ASN A 104 17.56 4.90 4.03
N ASP A 105 18.67 5.62 3.96
CA ASP A 105 18.84 6.83 4.73
C ASP A 105 18.11 7.99 4.08
N GLN A 106 17.56 8.86 4.93
CA GLN A 106 17.04 10.15 4.51
C GLN A 106 18.21 11.09 4.23
N THR A 107 18.02 12.00 3.29
CA THR A 107 18.97 13.09 3.06
C THR A 107 18.20 14.41 3.08
N PRO A 108 18.90 15.52 3.31
CA PRO A 108 18.20 16.82 3.23
C PRO A 108 17.51 17.06 1.90
N GLU A 109 18.11 16.60 0.80
CA GLU A 109 17.49 16.75 -0.51
C GLU A 109 16.19 15.96 -0.61
N LEU A 110 16.16 14.72 -0.11
CA LEU A 110 14.91 13.96 -0.11
C LEU A 110 13.89 14.56 0.85
N ALA A 111 14.33 15.06 2.01
CA ALA A 111 13.39 15.56 3.02
C ALA A 111 12.59 16.76 2.52
N GLU A 112 13.08 17.45 1.50
N GLU A 112 13.08 17.44 1.47
CA GLU A 112 12.32 18.55 0.92
CA GLU A 112 12.34 18.56 0.90
C GLU A 112 10.96 18.08 0.42
C GLU A 112 11.01 18.12 0.30
N TYR A 113 10.89 16.87 -0.12
CA TYR A 113 9.66 16.35 -0.70
C TYR A 113 9.03 15.23 0.11
N PHE A 114 9.80 14.61 1.01
CA PHE A 114 9.43 13.40 1.73
C PHE A 114 9.58 13.59 3.23
N GLY A 115 9.45 14.82 3.69
N GLY A 115 9.39 14.81 3.73
CA GLY A 115 9.49 15.13 5.10
CA GLY A 115 9.50 15.09 5.16
C GLY A 115 8.09 15.39 5.62
C GLY A 115 8.18 15.20 5.89
N SER A 116 7.20 14.41 5.46
CA SER A 116 5.82 14.55 5.92
C SER A 116 5.66 13.98 7.32
N MET A 117 4.42 13.95 7.79
CA MET A 117 4.11 13.44 9.10
C MET A 117 4.42 11.96 9.24
N ILE A 118 4.56 11.21 8.14
CA ILE A 118 4.86 9.78 8.26
C ILE A 118 6.27 9.55 8.82
N VAL A 119 7.16 10.55 8.70
CA VAL A 119 8.52 10.38 9.23
C VAL A 119 8.71 11.25 10.48
N LEU A 120 7.63 11.55 11.19
CA LEU A 120 7.66 12.32 12.43
C LEU A 120 6.98 11.56 13.56
N ASP A 121 7.39 11.87 14.77
CA ASP A 121 6.74 11.34 15.96
C ASP A 121 5.81 12.40 16.53
N ASP A 122 4.98 11.97 17.48
CA ASP A 122 4.12 12.91 18.19
C ASP A 122 4.98 13.75 19.13
N PRO A 123 4.54 14.98 19.46
CA PRO A 123 3.23 15.52 19.10
C PRO A 123 3.12 16.12 17.72
N ARG A 124 4.21 16.40 17.01
CA ARG A 124 4.03 17.12 15.75
C ARG A 124 3.27 16.28 14.75
N HIS A 125 3.54 14.98 14.71
CA HIS A 125 2.82 14.10 13.82
C HIS A 125 1.31 14.24 13.98
N GLN A 126 0.82 14.16 15.22
N GLN A 126 0.83 14.15 15.23
CA GLN A 126 -0.62 14.22 15.40
CA GLN A 126 -0.60 14.24 15.48
C GLN A 126 -1.19 15.59 15.06
C GLN A 126 -1.16 15.59 15.04
N ARG A 127 -0.43 16.67 15.32
CA ARG A 127 -0.91 18.00 14.98
C ARG A 127 -1.07 18.14 13.46
N LEU A 128 -0.15 17.56 12.70
CA LEU A 128 -0.26 17.56 11.24
C LEU A 128 -1.43 16.69 10.79
N ARG A 129 -1.55 15.49 11.35
CA ARG A 129 -2.57 14.57 10.91
C ARG A 129 -3.95 15.15 11.17
N SER A 130 -4.12 15.91 12.24
N SER A 130 -4.12 15.93 12.24
CA SER A 130 -5.42 16.48 12.57
CA SER A 130 -5.42 16.48 12.56
C SER A 130 -5.91 17.49 11.54
C SER A 130 -5.91 17.47 11.51
N ILE A 131 -5.01 17.98 10.66
CA ILE A 131 -5.44 18.92 9.63
C ILE A 131 -6.40 18.24 8.66
N VAL A 132 -6.16 16.96 8.36
CA VAL A 132 -6.95 16.26 7.37
C VAL A 132 -7.76 15.09 7.93
N SER A 133 -7.63 14.77 9.21
CA SER A 133 -8.17 13.49 9.69
C SER A 133 -9.69 13.41 9.53
N ARG A 134 -10.40 14.52 9.67
N ARG A 134 -10.40 14.53 9.67
CA ARG A 134 -11.86 14.46 9.58
CA ARG A 134 -11.86 14.47 9.59
C ARG A 134 -12.31 13.94 8.22
C ARG A 134 -12.31 13.94 8.22
N ALA A 135 -11.61 14.34 7.16
CA ALA A 135 -11.96 13.92 5.81
C ALA A 135 -11.84 12.43 5.59
N PHE A 136 -11.11 11.72 6.45
CA PHE A 136 -10.87 10.29 6.30
C PHE A 136 -11.63 9.44 7.31
N THR A 137 -12.47 10.05 8.14
CA THR A 137 -13.21 9.27 9.11
C THR A 137 -14.31 8.47 8.42
N PRO A 138 -14.73 7.36 9.03
CA PRO A 138 -15.78 6.52 8.40
C PRO A 138 -17.01 7.28 7.96
N LYS A 139 -17.51 8.18 8.80
N LYS A 139 -17.52 8.18 8.80
CA LYS A 139 -18.76 8.88 8.49
CA LYS A 139 -18.77 8.87 8.48
C LYS A 139 -18.59 9.80 7.30
C LYS A 139 -18.59 9.80 7.29
N VAL A 140 -17.44 10.47 7.18
CA VAL A 140 -17.22 11.40 6.08
C VAL A 140 -16.92 10.65 4.78
N VAL A 141 -16.12 9.60 4.86
CA VAL A 141 -15.83 8.78 3.68
C VAL A 141 -17.10 8.10 3.18
N ALA A 142 -17.99 7.70 4.09
CA ALA A 142 -19.22 7.08 3.63
C ALA A 142 -20.01 7.99 2.71
N ARG A 143 -19.89 9.31 2.91
N ARG A 143 -19.88 9.31 2.91
CA ARG A 143 -20.66 10.25 2.11
CA ARG A 143 -20.65 10.26 2.12
C ARG A 143 -20.18 10.34 0.67
C ARG A 143 -20.20 10.31 0.67
N ILE A 144 -19.03 9.78 0.33
CA ILE A 144 -18.58 9.78 -1.06
C ILE A 144 -18.75 8.43 -1.75
N GLU A 145 -19.55 7.55 -1.16
CA GLU A 145 -19.96 6.32 -1.85
C GLU A 145 -20.43 6.60 -3.27
N ALA A 146 -21.28 7.62 -3.47
CA ALA A 146 -21.78 7.91 -4.82
C ALA A 146 -20.64 8.18 -5.78
N ALA A 147 -19.62 8.90 -5.35
CA ALA A 147 -18.51 9.21 -6.25
C ALA A 147 -17.69 7.95 -6.55
N VAL A 148 -17.49 7.11 -5.54
CA VAL A 148 -16.75 5.87 -5.79
C VAL A 148 -17.52 4.98 -6.75
N ARG A 149 -18.84 4.82 -6.51
N ARG A 149 -18.84 4.85 -6.54
CA ARG A 149 -19.70 4.03 -7.39
CA ARG A 149 -19.64 3.99 -7.40
C ARG A 149 -19.68 4.56 -8.81
C ARG A 149 -19.73 4.55 -8.82
N ASP A 150 -19.87 5.86 -8.98
CA ASP A 150 -19.96 6.42 -10.33
C ASP A 150 -18.69 6.11 -11.10
N ARG A 151 -17.53 6.34 -10.48
CA ARG A 151 -16.28 6.12 -11.20
C ARG A 151 -16.04 4.64 -11.46
N ALA A 152 -16.25 3.79 -10.48
CA ALA A 152 -16.02 2.37 -10.68
C ALA A 152 -16.94 1.81 -11.76
N HIS A 153 -18.21 2.19 -11.70
CA HIS A 153 -19.23 1.71 -12.66
C HIS A 153 -18.83 2.13 -14.08
N ARG A 154 -18.43 3.38 -14.26
CA ARG A 154 -18.00 3.84 -15.58
C ARG A 154 -16.72 3.13 -16.03
N LEU A 155 -15.77 2.89 -15.13
CA LEU A 155 -14.54 2.21 -15.53
C LEU A 155 -14.83 0.80 -16.01
N VAL A 156 -15.67 0.07 -15.28
CA VAL A 156 -16.01 -1.29 -15.72
C VAL A 156 -16.78 -1.26 -17.04
N SER A 157 -17.73 -0.34 -17.18
N SER A 157 -17.75 -0.35 -17.16
N SER A 157 -17.84 -0.32 -17.20
CA SER A 157 -18.46 -0.22 -18.44
CA SER A 157 -18.46 -0.21 -18.43
CA SER A 157 -18.55 -0.18 -18.46
C SER A 157 -17.51 0.12 -19.58
C SER A 157 -17.50 0.10 -19.56
C SER A 157 -17.59 0.12 -19.60
N SER A 158 -16.48 0.92 -19.30
CA SER A 158 -15.51 1.25 -20.32
C SER A 158 -14.61 0.08 -20.68
N MET A 159 -14.30 -0.80 -19.72
N MET A 159 -14.28 -0.78 -19.72
CA MET A 159 -13.55 -2.01 -20.06
CA MET A 159 -13.56 -2.01 -20.06
C MET A 159 -14.30 -2.83 -21.11
C MET A 159 -14.30 -2.78 -21.14
N ILE A 160 -15.63 -2.87 -21.00
CA ILE A 160 -16.45 -3.59 -21.98
C ILE A 160 -16.50 -2.82 -23.31
N ALA A 161 -16.75 -1.50 -23.24
CA ALA A 161 -16.91 -0.72 -24.47
C ALA A 161 -15.60 -0.56 -25.22
N ASN A 162 -14.47 -0.55 -24.50
CA ASN A 162 -13.18 -0.26 -25.12
C ASN A 162 -12.52 -1.50 -25.72
N ASN A 163 -13.05 -2.69 -25.44
CA ASN A 163 -12.37 -3.94 -25.80
C ASN A 163 -13.33 -4.91 -26.44
N PRO A 164 -13.59 -4.75 -27.74
CA PRO A 164 -14.43 -5.73 -28.46
C PRO A 164 -13.98 -7.17 -28.31
N ASP A 165 -12.67 -7.44 -28.16
CA ASP A 165 -12.18 -8.80 -27.98
C ASP A 165 -12.33 -9.32 -26.54
N ARG A 166 -12.90 -8.52 -25.64
N ARG A 166 -12.89 -8.52 -25.64
CA ARG A 166 -13.15 -8.92 -24.25
CA ARG A 166 -13.14 -8.92 -24.25
C ARG A 166 -11.85 -9.24 -23.49
C ARG A 166 -11.85 -9.23 -23.49
N GLN A 167 -10.76 -8.57 -23.85
CA GLN A 167 -9.50 -8.63 -23.12
C GLN A 167 -9.13 -7.23 -22.63
N ALA A 168 -8.64 -7.12 -21.39
CA ALA A 168 -8.27 -5.83 -20.83
C ALA A 168 -7.13 -6.03 -19.83
N ASP A 169 -6.46 -4.94 -19.48
CA ASP A 169 -5.52 -4.89 -18.37
C ASP A 169 -6.26 -4.35 -17.16
N LEU A 170 -6.44 -5.19 -16.14
CA LEU A 170 -7.17 -4.73 -14.96
C LEU A 170 -6.48 -3.51 -14.32
N VAL A 171 -5.14 -3.45 -14.36
CA VAL A 171 -4.44 -2.39 -13.63
C VAL A 171 -4.73 -1.03 -14.26
N SER A 172 -4.42 -0.88 -15.55
CA SER A 172 -4.60 0.42 -16.17
C SER A 172 -6.07 0.79 -16.39
N GLU A 173 -6.96 -0.21 -16.46
CA GLU A 173 -8.34 0.07 -16.83
C GLU A 173 -9.31 0.10 -15.66
N LEU A 174 -8.90 -0.32 -14.46
CA LEU A 174 -9.78 -0.27 -13.28
C LEU A 174 -9.01 0.00 -11.98
N ALA A 175 -8.06 -0.88 -11.65
CA ALA A 175 -7.50 -0.87 -10.30
C ALA A 175 -6.70 0.39 -10.02
N GLY A 176 -5.94 0.84 -11.01
CA GLY A 176 -5.25 2.11 -10.92
C GLY A 176 -6.15 3.34 -10.96
N PRO A 177 -7.00 3.47 -11.99
CA PRO A 177 -7.74 4.73 -12.16
C PRO A 177 -8.81 4.99 -11.11
N LEU A 178 -9.38 3.95 -10.48
CA LEU A 178 -10.43 4.21 -9.49
C LEU A 178 -9.88 4.93 -8.27
N PRO A 179 -8.89 4.40 -7.55
CA PRO A 179 -8.37 5.16 -6.40
C PRO A 179 -7.73 6.47 -6.77
N LEU A 180 -7.14 6.55 -7.97
CA LEU A 180 -6.54 7.79 -8.43
C LEU A 180 -7.56 8.91 -8.48
N GLN A 181 -8.71 8.64 -9.11
CA GLN A 181 -9.73 9.66 -9.22
C GLN A 181 -10.19 10.12 -7.84
N ILE A 182 -10.39 9.16 -6.92
CA ILE A 182 -10.99 9.52 -5.65
C ILE A 182 -10.05 10.39 -4.84
N ILE A 183 -8.78 10.00 -4.70
CA ILE A 183 -7.88 10.83 -3.88
C ILE A 183 -7.62 12.17 -4.56
N CYS A 184 -7.48 12.16 -5.89
CA CYS A 184 -7.17 13.42 -6.57
C CYS A 184 -8.33 14.40 -6.47
N ASP A 185 -9.56 13.90 -6.55
CA ASP A 185 -10.72 14.76 -6.32
C ASP A 185 -10.77 15.26 -4.88
N MET A 186 -10.45 14.42 -3.89
CA MET A 186 -10.41 14.90 -2.52
C MET A 186 -9.38 16.02 -2.36
N MET A 187 -8.24 15.88 -3.04
CA MET A 187 -7.20 16.90 -2.95
C MET A 187 -7.58 18.18 -3.67
N GLY A 188 -8.49 18.11 -4.64
CA GLY A 188 -8.87 19.27 -5.43
C GLY A 188 -8.06 19.44 -6.69
N ILE A 189 -7.48 18.36 -7.19
CA ILE A 189 -6.68 18.36 -8.41
C ILE A 189 -7.62 18.25 -9.61
N PRO A 190 -7.49 19.12 -10.62
CA PRO A 190 -8.37 19.00 -11.79
C PRO A 190 -8.14 17.70 -12.56
N LYS A 191 -9.24 17.15 -13.07
CA LYS A 191 -9.24 15.88 -13.80
C LYS A 191 -8.15 15.80 -14.86
N ALA A 192 -7.94 16.89 -15.60
CA ALA A 192 -6.96 16.88 -16.67
C ALA A 192 -5.55 16.52 -16.21
N ASP A 193 -5.26 16.67 -14.92
CA ASP A 193 -3.93 16.40 -14.40
C ASP A 193 -3.84 15.09 -13.64
N HIS A 194 -4.92 14.31 -13.53
CA HIS A 194 -4.84 13.09 -12.72
C HIS A 194 -3.81 12.11 -13.26
N GLN A 195 -3.77 11.92 -14.59
CA GLN A 195 -2.82 10.96 -15.13
C GLN A 195 -1.37 11.43 -14.93
N ARG A 196 -1.12 12.73 -14.95
N ARG A 196 -1.12 12.74 -14.94
CA ARG A 196 0.21 13.23 -14.64
CA ARG A 196 0.22 13.23 -14.65
C ARG A 196 0.59 12.89 -13.20
C ARG A 196 0.61 12.93 -13.19
N ILE A 197 -0.34 13.11 -12.27
CA ILE A 197 -0.09 12.74 -10.88
C ILE A 197 0.25 11.26 -10.77
N PHE A 198 -0.54 10.42 -11.45
CA PHE A 198 -0.34 8.98 -11.38
C PHE A 198 1.02 8.58 -11.92
N HIS A 199 1.46 9.19 -13.03
CA HIS A 199 2.80 8.87 -13.52
C HIS A 199 3.88 9.22 -12.49
N TRP A 200 3.76 10.40 -11.88
CA TRP A 200 4.73 10.80 -10.86
C TRP A 200 4.74 9.82 -9.67
N THR A 201 3.56 9.46 -9.13
CA THR A 201 3.55 8.55 -7.98
C THR A 201 4.03 7.16 -8.38
N ASN A 202 3.77 6.73 -9.62
CA ASN A 202 4.26 5.45 -10.10
C ASN A 202 5.79 5.41 -10.05
N VAL A 203 6.45 6.50 -10.44
CA VAL A 203 7.90 6.55 -10.42
C VAL A 203 8.42 6.63 -9.00
N ILE A 204 7.79 7.46 -8.17
CA ILE A 204 8.23 7.63 -6.79
C ILE A 204 8.29 6.30 -6.03
N LEU A 205 7.28 5.45 -6.21
N LEU A 205 7.29 5.43 -6.18
CA LEU A 205 7.23 4.16 -5.51
CA LEU A 205 7.39 4.17 -5.46
C LEU A 205 7.39 2.97 -6.46
C LEU A 205 7.85 3.00 -6.31
N GLY A 206 8.01 3.19 -7.62
CA GLY A 206 8.43 2.11 -8.49
C GLY A 206 9.92 2.14 -8.79
N PHE A 207 10.63 3.10 -8.23
CA PHE A 207 12.04 3.30 -8.57
C PHE A 207 12.84 2.04 -8.30
N GLY A 208 13.68 1.69 -9.25
CA GLY A 208 14.45 0.45 -9.21
C GLY A 208 13.91 -0.62 -10.13
N ASP A 209 12.63 -0.56 -10.48
CA ASP A 209 12.11 -1.44 -11.52
C ASP A 209 12.37 -0.77 -12.86
N PRO A 210 13.10 -1.41 -13.79
CA PRO A 210 13.41 -0.75 -15.06
C PRO A 210 12.20 -0.36 -15.89
N ASP A 211 11.04 -0.96 -15.65
CA ASP A 211 9.83 -0.55 -16.34
C ASP A 211 9.31 0.79 -15.84
N LEU A 212 9.78 1.24 -14.68
CA LEU A 212 9.36 2.52 -14.12
C LEU A 212 10.47 3.57 -14.22
N ALA A 213 11.55 3.41 -13.47
CA ALA A 213 12.69 4.31 -13.53
C ALA A 213 13.86 3.69 -12.78
N THR A 214 15.07 3.92 -13.28
CA THR A 214 16.27 3.52 -12.56
C THR A 214 17.31 4.63 -12.46
N ASP A 215 17.09 5.78 -13.08
CA ASP A 215 18.02 6.91 -13.04
C ASP A 215 17.60 7.86 -11.92
N PHE A 216 18.48 8.09 -10.96
CA PHE A 216 18.12 8.92 -9.82
C PHE A 216 17.79 10.35 -10.25
N ASP A 217 18.37 10.81 -11.35
CA ASP A 217 18.01 12.14 -11.84
C ASP A 217 16.54 12.20 -12.28
N GLU A 218 16.01 11.10 -12.85
CA GLU A 218 14.58 11.08 -13.17
C GLU A 218 13.74 11.08 -11.90
N PHE A 219 14.13 10.29 -10.90
CA PHE A 219 13.43 10.30 -9.62
C PHE A 219 13.37 11.70 -9.02
N MET A 220 14.49 12.42 -9.03
CA MET A 220 14.46 13.76 -8.44
C MET A 220 13.73 14.77 -9.33
N GLN A 221 13.75 14.59 -10.66
CA GLN A 221 12.94 15.47 -11.50
C GLN A 221 11.46 15.27 -11.25
N VAL A 222 11.03 14.02 -11.13
CA VAL A 222 9.63 13.74 -10.81
C VAL A 222 9.26 14.36 -9.46
N SER A 223 10.13 14.17 -8.46
CA SER A 223 9.87 14.73 -7.13
C SER A 223 9.74 16.25 -7.17
N ALA A 224 10.67 16.92 -7.86
CA ALA A 224 10.60 18.37 -7.98
C ALA A 224 9.35 18.78 -8.73
N ASP A 225 8.96 18.01 -9.75
CA ASP A 225 7.81 18.41 -10.54
C ASP A 225 6.50 18.27 -9.75
N ILE A 226 6.34 17.17 -9.00
CA ILE A 226 5.12 17.04 -8.22
C ILE A 226 5.10 18.05 -7.07
N GLY A 227 6.28 18.34 -6.51
CA GLY A 227 6.36 19.34 -5.46
C GLY A 227 5.97 20.73 -5.95
N ALA A 228 6.43 21.08 -7.17
CA ALA A 228 6.07 22.35 -7.76
C ALA A 228 4.59 22.40 -8.09
N TYR A 229 4.03 21.27 -8.55
CA TYR A 229 2.60 21.18 -8.80
C TYR A 229 1.81 21.46 -7.52
N ALA A 230 2.20 20.80 -6.44
CA ALA A 230 1.54 21.00 -5.17
C ALA A 230 1.61 22.45 -4.71
N THR A 231 2.79 23.07 -4.83
N THR A 231 2.78 23.08 -4.80
CA THR A 231 3.00 24.45 -4.41
CA THR A 231 2.89 24.46 -4.35
C THR A 231 2.12 25.40 -5.20
C THR A 231 2.02 25.38 -5.19
N ALA A 232 2.04 25.19 -6.51
CA ALA A 232 1.24 26.07 -7.36
C ALA A 232 -0.26 25.93 -7.04
N LEU A 233 -0.72 24.69 -6.83
CA LEU A 233 -2.12 24.49 -6.49
C LEU A 233 -2.43 25.12 -5.14
N ALA A 234 -1.50 24.95 -4.18
CA ALA A 234 -1.68 25.53 -2.86
C ALA A 234 -1.76 27.05 -2.92
N GLU A 235 -0.93 27.68 -3.75
N GLU A 235 -0.93 27.69 -3.74
CA GLU A 235 -0.99 29.13 -3.87
CA GLU A 235 -1.00 29.15 -3.84
C GLU A 235 -2.32 29.58 -4.44
C GLU A 235 -2.33 29.60 -4.45
N ASP A 236 -2.87 28.83 -5.40
CA ASP A 236 -4.19 29.17 -5.94
C ASP A 236 -5.23 29.11 -4.83
N ARG A 237 -5.19 28.04 -4.02
CA ARG A 237 -6.20 27.85 -2.98
C ARG A 237 -6.03 28.85 -1.83
N ARG A 238 -4.80 29.30 -1.57
N ARG A 238 -4.81 29.34 -1.60
CA ARG A 238 -4.58 30.36 -0.60
CA ARG A 238 -4.62 30.34 -0.57
C ARG A 238 -5.42 31.58 -0.94
C ARG A 238 -5.32 31.65 -0.92
N VAL A 239 -5.42 31.97 -2.21
CA VAL A 239 -6.14 33.16 -2.65
C VAL A 239 -7.63 32.90 -2.79
N ASN A 240 -8.01 31.72 -3.29
CA ASN A 240 -9.42 31.39 -3.50
C ASN A 240 -9.68 29.97 -2.98
N HIS A 241 -10.32 29.90 -1.81
CA HIS A 241 -10.62 28.64 -1.16
C HIS A 241 -11.52 27.76 -2.02
N HIS A 242 -11.22 26.46 -2.02
CA HIS A 242 -12.17 25.44 -2.45
C HIS A 242 -12.39 24.45 -1.31
N ASP A 243 -13.49 23.71 -1.38
N ASP A 243 -13.48 23.69 -1.39
CA ASP A 243 -13.75 22.67 -0.39
CA ASP A 243 -13.76 22.65 -0.40
C ASP A 243 -12.96 21.43 -0.78
C ASP A 243 -12.95 21.40 -0.76
N ASP A 244 -11.64 21.50 -0.57
CA ASP A 244 -10.72 20.40 -0.88
C ASP A 244 -9.60 20.33 0.16
N LEU A 245 -8.84 19.23 0.14
CA LEU A 245 -7.77 19.06 1.12
C LEU A 245 -6.60 20.01 0.89
N THR A 246 -6.31 20.37 -0.36
CA THR A 246 -5.25 21.34 -0.57
C THR A 246 -5.57 22.65 0.12
N SER A 247 -6.83 23.08 0.08
CA SER A 247 -7.22 24.28 0.80
C SER A 247 -7.06 24.10 2.31
N SER A 248 -7.45 22.94 2.83
CA SER A 248 -7.26 22.67 4.25
C SER A 248 -5.80 22.80 4.63
N LEU A 249 -4.91 22.29 3.77
CA LEU A 249 -3.48 22.31 4.10
C LEU A 249 -2.96 23.74 4.19
N VAL A 250 -3.35 24.60 3.25
N VAL A 250 -3.37 24.60 3.28
CA VAL A 250 -2.80 25.96 3.21
CA VAL A 250 -2.79 25.92 3.23
C VAL A 250 -3.43 26.87 4.25
C VAL A 250 -3.45 26.87 4.22
N GLU A 251 -4.62 26.51 4.75
CA GLU A 251 -5.31 27.30 5.77
C GLU A 251 -4.95 26.89 7.19
N ALA A 252 -4.36 25.71 7.38
CA ALA A 252 -4.13 25.21 8.73
C ALA A 252 -2.99 25.94 9.43
N GLU A 253 -3.00 25.89 10.76
CA GLU A 253 -1.86 26.27 11.59
C GLU A 253 -1.49 25.10 12.49
N VAL A 254 -0.18 24.90 12.68
CA VAL A 254 0.36 23.94 13.64
C VAL A 254 1.22 24.73 14.61
N ASP A 255 0.96 24.63 15.90
N ASP A 255 0.89 24.62 15.90
CA ASP A 255 1.75 25.40 16.86
CA ASP A 255 1.54 25.37 16.96
C ASP A 255 1.71 26.90 16.57
C ASP A 255 1.70 26.84 16.56
N GLY A 256 0.60 27.39 16.02
CA GLY A 256 0.48 28.81 15.73
C GLY A 256 1.06 29.27 14.41
N GLU A 257 1.58 28.36 13.58
CA GLU A 257 2.21 28.76 12.34
C GLU A 257 1.64 27.98 11.17
N ARG A 258 1.47 28.66 10.04
N ARG A 258 1.47 28.67 10.04
CA ARG A 258 1.06 27.99 8.83
CA ARG A 258 1.07 28.00 8.82
C ARG A 258 2.17 27.06 8.37
C ARG A 258 2.17 27.05 8.36
N LEU A 259 1.78 26.05 7.59
CA LEU A 259 2.76 25.12 7.05
C LEU A 259 3.65 25.83 6.03
N SER A 260 4.92 25.45 6.01
CA SER A 260 5.85 25.96 5.00
C SER A 260 5.59 25.31 3.65
N SER A 261 6.25 25.83 2.61
N SER A 261 6.28 25.81 2.62
CA SER A 261 6.06 25.24 1.29
CA SER A 261 6.20 25.20 1.30
C SER A 261 6.58 23.81 1.23
C SER A 261 6.62 23.74 1.34
N ARG A 262 7.67 23.52 1.95
N ARG A 262 7.74 23.45 2.00
CA ARG A 262 8.15 22.13 2.03
CA ARG A 262 8.22 22.07 2.09
C ARG A 262 7.14 21.22 2.75
C ARG A 262 7.22 21.18 2.82
N GLU A 263 6.54 21.73 3.83
CA GLU A 263 5.56 20.94 4.57
C GLU A 263 4.31 20.69 3.73
N ILE A 264 3.84 21.72 3.00
N ILE A 264 3.85 21.69 2.99
CA ILE A 264 2.71 21.55 2.09
CA ILE A 264 2.70 21.52 2.11
C ILE A 264 3.02 20.52 1.01
C ILE A 264 3.01 20.51 1.01
N ALA A 265 4.17 20.67 0.36
CA ALA A 265 4.53 19.74 -0.71
C ALA A 265 4.63 18.32 -0.17
N SER A 266 5.29 18.15 0.97
N SER A 266 5.27 18.13 0.98
CA SER A 266 5.45 16.81 1.54
CA SER A 266 5.45 16.77 1.48
C SER A 266 4.12 16.18 1.91
C SER A 266 4.12 16.17 1.93
N PHE A 267 3.20 16.97 2.46
CA PHE A 267 1.88 16.45 2.83
C PHE A 267 1.09 16.06 1.59
N PHE A 268 1.07 16.93 0.58
CA PHE A 268 0.36 16.64 -0.67
C PHE A 268 0.91 15.36 -1.30
N ILE A 269 2.23 15.25 -1.37
CA ILE A 269 2.86 14.07 -1.98
C ILE A 269 2.53 12.81 -1.19
N LEU A 270 2.59 12.89 0.13
CA LEU A 270 2.26 11.73 0.94
C LEU A 270 0.86 11.22 0.60
N LEU A 271 -0.12 12.13 0.54
N LEU A 271 -0.11 12.12 0.51
CA LEU A 271 -1.51 11.73 0.34
CA LEU A 271 -1.49 11.67 0.34
C LEU A 271 -1.71 11.10 -1.04
C LEU A 271 -1.74 11.10 -1.05
N VAL A 272 -1.17 11.71 -2.09
CA VAL A 272 -1.41 11.17 -3.43
C VAL A 272 -0.61 9.90 -3.68
N VAL A 273 0.62 9.83 -3.14
CA VAL A 273 1.39 8.59 -3.26
C VAL A 273 0.70 7.44 -2.55
N ALA A 274 0.34 7.64 -1.28
CA ALA A 274 -0.33 6.56 -0.54
C ALA A 274 -1.66 6.21 -1.18
N GLY A 275 -2.40 7.21 -1.68
CA GLY A 275 -3.69 6.91 -2.26
C GLY A 275 -3.62 6.17 -3.58
N ASN A 276 -2.52 6.35 -4.32
CA ASN A 276 -2.40 5.85 -5.68
C ASN A 276 -1.61 4.55 -5.79
N GLU A 277 -0.86 4.14 -4.76
CA GLU A 277 0.11 3.05 -4.87
C GLU A 277 -0.14 1.93 -3.87
N THR A 278 -1.38 1.79 -3.41
CA THR A 278 -1.74 0.83 -2.36
C THR A 278 -3.02 0.08 -2.75
N THR A 279 -4.16 0.76 -2.75
CA THR A 279 -5.43 0.12 -3.05
C THR A 279 -5.41 -0.59 -4.40
N ARG A 280 -4.74 0.00 -5.39
CA ARG A 280 -4.74 -0.63 -6.74
C ARG A 280 -4.15 -2.03 -6.62
N ASN A 281 -3.15 -2.22 -5.77
CA ASN A 281 -2.54 -3.53 -5.60
C ASN A 281 -3.42 -4.48 -4.80
N ALA A 282 -4.17 -3.98 -3.80
CA ALA A 282 -5.16 -4.83 -3.16
C ALA A 282 -6.18 -5.33 -4.16
N ILE A 283 -6.67 -4.44 -5.04
CA ILE A 283 -7.69 -4.84 -6.01
C ILE A 283 -7.10 -5.86 -6.97
N THR A 284 -5.90 -5.60 -7.48
CA THR A 284 -5.34 -6.48 -8.48
C THR A 284 -4.97 -7.84 -7.89
N HIS A 285 -4.35 -7.86 -6.71
CA HIS A 285 -4.11 -9.14 -6.04
C HIS A 285 -5.41 -9.85 -5.70
N GLY A 286 -6.48 -9.10 -5.41
CA GLY A 286 -7.77 -9.71 -5.11
C GLY A 286 -8.35 -10.42 -6.32
N VAL A 287 -8.27 -9.79 -7.51
CA VAL A 287 -8.74 -10.46 -8.73
C VAL A 287 -7.90 -11.69 -9.04
N LEU A 288 -6.57 -11.59 -8.84
CA LEU A 288 -5.70 -12.75 -9.01
C LEU A 288 -6.11 -13.89 -8.10
N ALA A 289 -6.42 -13.58 -6.85
CA ALA A 289 -6.84 -14.61 -5.89
C ALA A 289 -8.18 -15.21 -6.27
N LEU A 290 -9.16 -14.39 -6.65
CA LEU A 290 -10.44 -14.96 -7.08
C LEU A 290 -10.24 -15.88 -8.26
N SER A 291 -9.28 -15.53 -9.14
CA SER A 291 -9.00 -16.35 -10.31
C SER A 291 -8.40 -17.69 -9.91
N ARG A 292 -7.54 -17.70 -8.89
CA ARG A 292 -6.93 -18.95 -8.45
C ARG A 292 -7.84 -19.79 -7.56
N TYR A 293 -8.80 -19.16 -6.88
CA TYR A 293 -9.69 -19.80 -5.90
C TYR A 293 -11.15 -19.49 -6.26
N PRO A 294 -11.66 -20.10 -7.34
CA PRO A 294 -13.02 -19.75 -7.79
C PRO A 294 -14.12 -20.01 -6.79
N GLU A 295 -13.96 -20.95 -5.87
N GLU A 295 -13.97 -20.95 -5.86
N GLU A 295 -13.95 -20.96 -5.87
CA GLU A 295 -14.99 -21.17 -4.86
CA GLU A 295 -15.01 -21.15 -4.87
CA GLU A 295 -14.97 -21.18 -4.85
C GLU A 295 -15.16 -19.94 -3.98
C GLU A 295 -15.17 -19.92 -3.99
C GLU A 295 -15.15 -19.96 -3.96
N GLN A 296 -14.09 -19.18 -3.75
CA GLN A 296 -14.19 -17.95 -2.98
C GLN A 296 -14.92 -16.88 -3.77
N ARG A 297 -14.65 -16.78 -5.07
N ARG A 297 -14.67 -16.80 -5.08
CA ARG A 297 -15.46 -15.87 -5.89
CA ARG A 297 -15.42 -15.90 -5.93
C ARG A 297 -16.93 -16.21 -5.75
C ARG A 297 -16.91 -16.20 -5.87
N ASP A 298 -17.28 -17.50 -5.91
CA ASP A 298 -18.67 -17.87 -5.93
C ASP A 298 -19.35 -17.52 -4.61
N ARG A 299 -18.68 -17.76 -3.48
N ARG A 299 -18.69 -17.81 -3.48
CA ARG A 299 -19.35 -17.53 -2.21
CA ARG A 299 -19.30 -17.52 -2.19
C ARG A 299 -19.52 -16.02 -1.94
C ARG A 299 -19.57 -16.02 -2.05
N TRP A 300 -18.61 -15.19 -2.45
CA TRP A 300 -18.79 -13.75 -2.32
C TRP A 300 -19.91 -13.28 -3.24
N TRP A 301 -19.88 -13.71 -4.49
CA TRP A 301 -20.90 -13.28 -5.44
C TRP A 301 -22.31 -13.66 -4.99
N SER A 302 -22.46 -14.80 -4.30
N SER A 302 -22.48 -14.79 -4.30
CA SER A 302 -23.76 -15.26 -3.85
CA SER A 302 -23.81 -15.20 -3.90
C SER A 302 -24.30 -14.45 -2.68
C SER A 302 -24.27 -14.58 -2.58
N ASP A 303 -23.43 -13.77 -1.94
CA ASP A 303 -23.84 -13.02 -0.75
C ASP A 303 -22.91 -11.83 -0.61
N PHE A 304 -23.02 -10.90 -1.55
CA PHE A 304 -21.98 -9.89 -1.67
C PHE A 304 -21.94 -8.99 -0.43
N ASP A 305 -23.09 -8.48 0.00
CA ASP A 305 -23.10 -7.56 1.12
C ASP A 305 -22.78 -8.26 2.42
N GLY A 306 -23.20 -9.53 2.56
CA GLY A 306 -22.97 -10.24 3.80
C GLY A 306 -21.51 -10.55 4.01
N LEU A 307 -20.81 -10.93 2.96
N LEU A 307 -20.82 -10.89 2.94
CA LEU A 307 -19.41 -11.28 3.10
CA LEU A 307 -19.42 -11.29 3.03
C LEU A 307 -18.45 -10.11 2.89
C LEU A 307 -18.45 -10.14 2.82
N ALA A 308 -18.90 -8.99 2.32
CA ALA A 308 -17.98 -7.93 1.95
C ALA A 308 -17.08 -7.47 3.10
N PRO A 309 -17.56 -7.29 4.33
CA PRO A 309 -16.62 -6.84 5.37
C PRO A 309 -15.44 -7.77 5.55
N THR A 310 -15.70 -9.07 5.65
CA THR A 310 -14.60 -10.01 5.84
C THR A 310 -13.81 -10.24 4.55
N ALA A 311 -14.48 -10.17 3.39
CA ALA A 311 -13.79 -10.40 2.12
C ALA A 311 -12.76 -9.31 1.84
N VAL A 312 -13.13 -8.05 2.07
CA VAL A 312 -12.20 -6.93 1.86
C VAL A 312 -10.98 -7.10 2.76
N GLU A 313 -11.19 -7.44 4.03
CA GLU A 313 -10.06 -7.60 4.95
C GLU A 313 -9.17 -8.76 4.57
N GLU A 314 -9.75 -9.87 4.12
CA GLU A 314 -8.94 -10.99 3.69
C GLU A 314 -8.15 -10.64 2.43
N ILE A 315 -8.72 -9.86 1.51
CA ILE A 315 -7.93 -9.45 0.36
C ILE A 315 -6.72 -8.63 0.81
N VAL A 316 -6.90 -7.76 1.81
CA VAL A 316 -5.77 -6.95 2.30
C VAL A 316 -4.73 -7.83 3.00
N ARG A 317 -5.16 -8.77 3.86
CA ARG A 317 -4.20 -9.69 4.48
C ARG A 317 -3.43 -10.47 3.42
N TRP A 318 -4.15 -10.98 2.41
CA TRP A 318 -3.52 -11.82 1.42
C TRP A 318 -2.54 -11.02 0.57
N ALA A 319 -2.94 -9.82 0.13
CA ALA A 319 -2.11 -9.01 -0.73
C ALA A 319 -0.96 -8.32 -0.01
N SER A 320 -1.14 -7.97 1.26
CA SER A 320 -0.23 -7.10 2.03
C SER A 320 0.43 -6.06 1.12
N PRO A 321 -0.38 -5.11 0.61
CA PRO A 321 0.13 -4.18 -0.40
C PRO A 321 1.38 -3.42 0.02
N VAL A 322 1.49 -3.08 1.29
CA VAL A 322 2.69 -2.47 1.83
C VAL A 322 3.47 -3.57 2.54
N VAL A 323 4.65 -3.87 2.00
CA VAL A 323 5.40 -5.06 2.43
C VAL A 323 6.00 -4.86 3.82
N TYR A 324 6.58 -3.69 4.07
CA TYR A 324 7.20 -3.37 5.35
C TYR A 324 7.16 -1.86 5.56
N MET A 325 7.40 -1.47 6.81
CA MET A 325 7.79 -0.11 7.16
C MET A 325 8.97 -0.20 8.12
N ARG A 326 9.80 0.85 8.12
N ARG A 326 9.80 0.85 8.12
CA ARG A 326 10.98 0.91 8.97
CA ARG A 326 10.99 0.89 8.97
C ARG A 326 10.74 1.82 10.18
C ARG A 326 10.77 1.82 10.16
N ARG A 327 11.49 1.52 11.24
CA ARG A 327 11.55 2.37 12.43
C ARG A 327 13.01 2.49 12.84
N THR A 328 13.28 3.37 13.80
CA THR A 328 14.63 3.58 14.30
C THR A 328 14.55 3.60 15.83
N LEU A 329 15.40 2.79 16.47
CA LEU A 329 15.35 2.69 17.92
C LEU A 329 15.87 3.96 18.59
N THR A 330 15.17 4.39 19.64
CA THR A 330 15.61 5.52 20.45
C THR A 330 16.31 5.08 21.71
N GLN A 331 16.31 3.78 21.99
CA GLN A 331 16.93 3.20 23.17
C GLN A 331 17.27 1.76 22.85
N ASP A 332 18.20 1.19 23.63
CA ASP A 332 18.50 -0.23 23.50
C ASP A 332 17.28 -1.05 23.91
N ILE A 333 17.07 -2.17 23.21
N ILE A 333 17.10 -2.19 23.24
CA ILE A 333 15.96 -3.07 23.52
CA ILE A 333 16.10 -3.15 23.63
C ILE A 333 16.34 -4.49 23.10
C ILE A 333 16.63 -4.57 23.42
N GLU A 334 15.87 -5.46 23.86
N GLU A 334 15.88 -5.53 23.94
CA GLU A 334 16.07 -6.86 23.56
CA GLU A 334 16.08 -6.93 23.62
C GLU A 334 14.71 -7.47 23.25
C GLU A 334 14.73 -7.51 23.29
N LEU A 335 14.58 -8.06 22.07
N LEU A 335 14.65 -8.16 22.14
CA LEU A 335 13.38 -8.77 21.68
CA LEU A 335 13.40 -8.78 21.69
C LEU A 335 13.75 -10.20 21.29
C LEU A 335 13.70 -10.18 21.23
N ARG A 336 12.98 -11.16 21.78
CA ARG A 336 13.13 -12.54 21.39
C ARG A 336 14.59 -12.99 21.50
N GLY A 337 15.27 -12.48 22.52
CA GLY A 337 16.65 -12.85 22.77
C GLY A 337 17.68 -12.12 21.93
N THR A 338 17.27 -11.15 21.10
CA THR A 338 18.20 -10.40 20.27
C THR A 338 18.31 -8.98 20.80
N LYS A 339 19.53 -8.58 21.17
CA LYS A 339 19.79 -7.23 21.61
C LYS A 339 19.97 -6.28 20.42
N MET A 340 19.22 -5.19 20.42
CA MET A 340 19.28 -4.17 19.37
C MET A 340 19.57 -2.84 20.03
N ALA A 341 20.36 -2.00 19.36
CA ALA A 341 20.91 -0.80 20.00
C ALA A 341 20.16 0.46 19.57
N ALA A 342 20.11 1.45 20.48
CA ALA A 342 19.64 2.78 20.14
C ALA A 342 20.32 3.25 18.84
N GLY A 343 19.53 3.78 17.91
CA GLY A 343 20.04 4.20 16.63
C GLY A 343 19.95 3.17 15.52
N ASP A 344 19.75 1.89 15.86
CA ASP A 344 19.61 0.85 14.85
C ASP A 344 18.28 0.95 14.09
N LYS A 345 18.32 0.58 12.81
CA LYS A 345 17.12 0.43 12.01
C LYS A 345 16.42 -0.89 12.26
N VAL A 346 15.09 -0.84 12.24
CA VAL A 346 14.23 -2.01 12.47
C VAL A 346 13.18 -2.02 11.36
N SER A 347 13.04 -3.16 10.67
CA SER A 347 12.05 -3.30 9.61
C SER A 347 10.92 -4.20 10.08
N LEU A 348 9.69 -3.78 9.80
N LEU A 348 9.69 -3.78 9.83
CA LEU A 348 8.47 -4.47 10.23
CA LEU A 348 8.48 -4.48 10.24
C LEU A 348 7.84 -5.12 9.02
C LEU A 348 7.86 -5.12 9.01
N TRP A 349 7.93 -6.45 8.92
CA TRP A 349 7.50 -7.17 7.70
C TRP A 349 6.04 -7.57 7.81
N TYR A 350 5.14 -6.66 7.39
CA TYR A 350 3.72 -6.96 7.41
C TYR A 350 3.39 -8.19 6.58
N CYS A 351 4.10 -8.36 5.45
CA CYS A 351 3.83 -9.51 4.60
C CYS A 351 4.00 -10.81 5.36
N SER A 352 4.94 -10.85 6.31
CA SER A 352 5.24 -12.03 7.10
C SER A 352 4.33 -12.13 8.32
N ALA A 353 4.07 -11.01 8.98
CA ALA A 353 3.11 -11.03 10.07
C ALA A 353 1.79 -11.62 9.61
N ASN A 354 1.39 -11.30 8.38
CA ASN A 354 0.11 -11.74 7.81
C ASN A 354 0.11 -13.19 7.34
N ARG A 355 1.17 -13.96 7.61
CA ARG A 355 1.19 -15.41 7.42
C ARG A 355 1.62 -16.13 8.69
N ASP A 356 1.65 -15.45 9.83
CA ASP A 356 2.25 -16.01 11.04
C ASP A 356 1.30 -17.02 11.67
N GLU A 357 1.71 -18.29 11.69
CA GLU A 357 0.90 -19.37 12.25
C GLU A 357 0.60 -19.19 13.73
N SER A 358 1.41 -18.40 14.45
CA SER A 358 1.15 -18.14 15.86
C SER A 358 -0.09 -17.27 16.07
N LYS A 359 -0.50 -16.54 15.05
N LYS A 359 -0.50 -16.54 15.04
CA LYS A 359 -1.64 -15.65 15.15
CA LYS A 359 -1.64 -15.65 15.14
C LYS A 359 -2.83 -16.10 14.31
C LYS A 359 -2.82 -16.12 14.32
N PHE A 360 -2.59 -16.66 13.13
CA PHE A 360 -3.65 -17.04 12.20
C PHE A 360 -3.82 -18.54 12.14
N ALA A 361 -5.05 -18.99 12.33
CA ALA A 361 -5.43 -20.33 11.94
C ALA A 361 -5.37 -20.43 10.41
N ASP A 362 -4.71 -21.47 9.92
N ASP A 362 -4.67 -21.46 9.93
CA ASP A 362 -4.63 -21.77 8.50
CA ASP A 362 -4.62 -21.77 8.51
C ASP A 362 -4.23 -20.53 7.69
C ASP A 362 -4.21 -20.55 7.69
N PRO A 363 -3.03 -19.99 7.94
CA PRO A 363 -2.63 -18.76 7.24
C PRO A 363 -2.55 -18.87 5.74
N TRP A 364 -2.38 -20.08 5.20
CA TRP A 364 -2.22 -20.29 3.76
C TRP A 364 -3.55 -20.49 3.06
N THR A 365 -4.67 -20.35 3.78
CA THR A 365 -5.99 -20.43 3.20
C THR A 365 -6.51 -19.02 2.98
N PHE A 366 -6.89 -18.73 1.72
CA PHE A 366 -7.57 -17.50 1.33
C PHE A 366 -9.05 -17.71 1.59
N ASP A 367 -9.56 -17.08 2.67
CA ASP A 367 -10.89 -17.37 3.17
C ASP A 367 -11.63 -16.04 3.31
N LEU A 368 -12.55 -15.78 2.39
CA LEU A 368 -13.23 -14.50 2.38
C LEU A 368 -14.22 -14.32 3.54
N ALA A 369 -14.50 -15.39 4.28
CA ALA A 369 -15.29 -15.33 5.51
C ALA A 369 -14.44 -15.24 6.78
N ARG A 370 -13.12 -15.11 6.64
CA ARG A 370 -12.21 -15.23 7.78
C ARG A 370 -12.60 -14.26 8.90
N ASN A 371 -12.78 -14.81 10.09
CA ASN A 371 -13.22 -14.03 11.23
C ASN A 371 -12.79 -14.77 12.49
N PRO A 372 -12.01 -14.16 13.39
CA PRO A 372 -11.46 -12.80 13.30
C PRO A 372 -10.37 -12.72 12.24
N ASN A 373 -9.91 -11.52 11.92
CA ASN A 373 -8.83 -11.34 10.96
C ASN A 373 -8.02 -10.14 11.40
N PRO A 374 -7.15 -10.33 12.39
CA PRO A 374 -6.34 -9.22 12.94
C PRO A 374 -5.09 -8.88 12.13
N HIS A 375 -5.26 -8.81 10.82
CA HIS A 375 -4.13 -8.61 9.94
C HIS A 375 -3.50 -7.24 10.12
N LEU A 376 -2.21 -7.17 9.76
CA LEU A 376 -1.42 -5.95 9.87
C LEU A 376 -1.19 -5.31 8.51
N GLY A 377 -2.11 -5.54 7.57
CA GLY A 377 -1.96 -4.91 6.26
C GLY A 377 -1.98 -3.39 6.30
N PHE A 378 -2.71 -2.80 7.24
CA PHE A 378 -2.72 -1.36 7.46
C PHE A 378 -1.76 -0.97 8.58
N GLY A 379 -0.87 -1.87 8.95
CA GLY A 379 0.05 -1.67 10.06
C GLY A 379 -0.44 -2.31 11.34
N GLY A 380 0.42 -2.21 12.36
CA GLY A 380 0.14 -2.81 13.65
C GLY A 380 -0.76 -2.01 14.56
N GLY A 381 -1.25 -0.87 14.11
CA GLY A 381 -2.09 -0.03 14.93
C GLY A 381 -1.29 1.07 15.59
N GLY A 382 -2.01 1.93 16.32
CA GLY A 382 -1.34 3.00 17.03
C GLY A 382 -1.23 4.29 16.24
N ALA A 383 -0.17 5.06 16.50
CA ALA A 383 -0.12 6.47 16.13
C ALA A 383 -0.22 6.68 14.61
N HIS A 384 0.40 5.81 13.82
CA HIS A 384 0.46 6.01 12.35
C HIS A 384 -0.53 5.09 11.61
N PHE A 385 -1.48 4.47 12.30
CA PHE A 385 -2.41 3.57 11.63
C PHE A 385 -2.97 4.20 10.36
N CYS A 386 -2.95 3.45 9.29
CA CYS A 386 -3.29 3.97 7.97
C CYS A 386 -4.42 4.98 7.98
N LEU A 387 -4.13 6.19 7.54
CA LEU A 387 -5.13 7.24 7.50
C LEU A 387 -6.21 6.92 6.48
N GLY A 388 -5.84 6.24 5.41
CA GLY A 388 -6.72 5.92 4.32
C GLY A 388 -7.52 4.64 4.44
N ALA A 389 -7.50 3.97 5.60
CA ALA A 389 -8.04 2.61 5.68
C ALA A 389 -9.52 2.56 5.34
N ASN A 390 -10.30 3.53 5.81
CA ASN A 390 -11.73 3.49 5.51
C ASN A 390 -11.97 3.75 4.03
N LEU A 391 -11.21 4.67 3.45
CA LEU A 391 -11.30 4.95 2.03
C LEU A 391 -10.92 3.72 1.22
N ALA A 392 -9.81 3.08 1.60
CA ALA A 392 -9.36 1.91 0.86
C ALA A 392 -10.38 0.79 0.90
N ARG A 393 -10.95 0.52 2.08
CA ARG A 393 -11.92 -0.55 2.20
C ARG A 393 -13.13 -0.31 1.31
N ARG A 394 -13.57 0.95 1.21
CA ARG A 394 -14.70 1.30 0.35
C ARG A 394 -14.33 1.19 -1.12
N GLU A 395 -13.15 1.69 -1.52
CA GLU A 395 -12.69 1.52 -2.90
C GLU A 395 -12.65 0.05 -3.30
N ILE A 396 -12.11 -0.81 -2.44
CA ILE A 396 -12.05 -2.23 -2.74
C ILE A 396 -13.44 -2.83 -2.87
N ARG A 397 -14.31 -2.59 -1.88
N ARG A 397 -14.31 -2.58 -1.89
N ARG A 397 -14.33 -2.58 -1.88
CA ARG A 397 -15.65 -3.17 -1.94
CA ARG A 397 -15.65 -3.16 -1.92
CA ARG A 397 -15.67 -3.17 -1.92
C ARG A 397 -16.35 -2.77 -3.23
C ARG A 397 -16.40 -2.75 -3.18
C ARG A 397 -16.42 -2.75 -3.17
N VAL A 398 -16.35 -1.47 -3.54
CA VAL A 398 -17.08 -1.01 -4.71
C VAL A 398 -16.50 -1.61 -5.98
N ALA A 399 -15.17 -1.67 -6.09
CA ALA A 399 -14.57 -2.22 -7.29
C ALA A 399 -15.06 -3.64 -7.54
N PHE A 400 -15.03 -4.48 -6.51
CA PHE A 400 -15.48 -5.86 -6.67
C PHE A 400 -16.98 -5.97 -6.91
N ASP A 401 -17.78 -5.10 -6.30
N ASP A 401 -17.79 -5.09 -6.30
CA ASP A 401 -19.21 -5.12 -6.52
CA ASP A 401 -19.22 -5.15 -6.56
C ASP A 401 -19.53 -4.78 -7.99
C ASP A 401 -19.53 -4.80 -8.01
N GLU A 402 -18.81 -3.82 -8.56
CA GLU A 402 -19.06 -3.45 -9.96
C GLU A 402 -18.59 -4.54 -10.92
N LEU A 403 -17.49 -5.21 -10.59
CA LEU A 403 -17.09 -6.36 -11.39
C LEU A 403 -18.14 -7.46 -11.31
N ARG A 404 -18.57 -7.80 -10.09
CA ARG A 404 -19.59 -8.81 -9.89
C ARG A 404 -20.84 -8.50 -10.71
N ARG A 405 -21.29 -7.24 -10.69
CA ARG A 405 -22.57 -6.92 -11.31
C ARG A 405 -22.49 -6.92 -12.83
N GLN A 406 -21.39 -6.41 -13.40
N GLN A 406 -21.38 -6.45 -13.40
CA GLN A 406 -21.27 -6.20 -14.84
CA GLN A 406 -21.30 -6.20 -14.83
C GLN A 406 -20.57 -7.34 -15.58
C GLN A 406 -20.47 -7.21 -15.63
N MET A 407 -19.55 -7.95 -14.98
CA MET A 407 -18.76 -8.97 -15.66
C MET A 407 -18.38 -10.03 -14.64
N PRO A 408 -19.36 -10.79 -14.14
CA PRO A 408 -19.10 -11.61 -12.96
C PRO A 408 -18.05 -12.69 -13.14
N ASP A 409 -17.80 -13.16 -14.37
CA ASP A 409 -16.81 -14.20 -14.59
C ASP A 409 -15.42 -13.65 -14.95
N VAL A 410 -15.17 -12.36 -14.71
CA VAL A 410 -13.87 -11.78 -15.01
C VAL A 410 -12.76 -12.59 -14.35
N VAL A 411 -11.71 -12.87 -15.11
CA VAL A 411 -10.66 -13.77 -14.66
C VAL A 411 -9.35 -13.38 -15.31
N ALA A 412 -8.27 -13.54 -14.56
CA ALA A 412 -6.94 -13.33 -15.09
C ALA A 412 -6.60 -14.38 -16.14
N THR A 413 -5.93 -13.94 -17.21
CA THR A 413 -5.52 -14.81 -18.30
C THR A 413 -4.02 -14.97 -18.40
N GLU A 414 -3.25 -14.15 -17.68
N GLU A 414 -3.25 -14.16 -17.67
CA GLU A 414 -1.81 -14.28 -17.57
CA GLU A 414 -1.80 -14.27 -17.59
C GLU A 414 -1.41 -14.03 -16.13
C GLU A 414 -1.39 -13.98 -16.16
N GLU A 415 -0.31 -14.63 -15.72
CA GLU A 415 0.26 -14.32 -14.43
C GLU A 415 0.69 -12.85 -14.44
N PRO A 416 0.64 -12.18 -13.28
CA PRO A 416 0.92 -10.74 -13.26
C PRO A 416 2.36 -10.43 -13.56
N ALA A 417 2.56 -9.26 -14.17
CA ALA A 417 3.90 -8.66 -14.21
C ALA A 417 4.11 -7.97 -12.87
N ARG A 418 5.08 -8.45 -12.11
N ARG A 418 5.09 -8.44 -12.11
CA ARG A 418 5.28 -8.01 -10.73
CA ARG A 418 5.25 -8.02 -10.72
C ARG A 418 6.24 -6.83 -10.68
C ARG A 418 6.26 -6.87 -10.62
N LEU A 419 5.88 -5.83 -9.87
CA LEU A 419 6.78 -4.72 -9.63
C LEU A 419 8.01 -5.20 -8.87
N LEU A 420 9.18 -4.75 -9.29
N LEU A 420 9.19 -4.77 -9.31
CA LEU A 420 10.42 -5.07 -8.58
CA LEU A 420 10.41 -5.05 -8.57
C LEU A 420 10.58 -4.08 -7.42
C LEU A 420 10.47 -4.03 -7.43
N SER A 421 10.13 -4.48 -6.23
CA SER A 421 10.11 -3.58 -5.07
C SER A 421 10.17 -4.39 -3.78
N GLN A 422 10.97 -3.90 -2.83
CA GLN A 422 10.98 -4.41 -1.47
C GLN A 422 9.88 -3.79 -0.61
N PHE A 423 9.31 -2.66 -1.00
CA PHE A 423 8.41 -1.86 -0.18
C PHE A 423 6.93 -2.06 -0.53
N ILE A 424 6.62 -2.22 -1.81
CA ILE A 424 5.26 -2.24 -2.32
C ILE A 424 5.06 -3.55 -3.06
N HIS A 425 3.96 -4.26 -2.74
CA HIS A 425 3.67 -5.54 -3.40
C HIS A 425 2.88 -5.26 -4.68
N GLY A 426 3.57 -4.65 -5.63
CA GLY A 426 2.90 -4.12 -6.81
C GLY A 426 2.71 -5.12 -7.93
N ILE A 427 1.59 -4.94 -8.65
CA ILE A 427 1.36 -5.58 -9.93
C ILE A 427 1.28 -4.49 -10.99
N LYS A 428 2.12 -4.59 -12.01
CA LYS A 428 2.16 -3.57 -13.06
C LYS A 428 1.05 -3.79 -14.09
N THR A 429 0.78 -5.05 -14.44
CA THR A 429 -0.25 -5.40 -15.42
C THR A 429 -0.86 -6.74 -15.01
N LEU A 430 -2.16 -6.88 -15.25
CA LEU A 430 -2.86 -8.15 -15.06
C LEU A 430 -3.90 -8.30 -16.16
N PRO A 431 -3.57 -9.01 -17.24
CA PRO A 431 -4.56 -9.27 -18.29
C PRO A 431 -5.75 -10.08 -17.74
N VAL A 432 -6.96 -9.64 -18.11
CA VAL A 432 -8.21 -10.31 -17.72
C VAL A 432 -9.11 -10.46 -18.94
N THR A 433 -10.06 -11.38 -18.82
CA THR A 433 -11.12 -11.57 -19.81
C THR A 433 -12.41 -11.85 -19.08
N TRP A 434 -13.51 -11.82 -19.83
CA TRP A 434 -14.85 -12.05 -19.28
C TRP A 434 -15.73 -12.46 -20.45
N SER A 435 -16.87 -13.08 -20.16
N SER A 435 -16.97 -12.86 -20.12
CA SER A 435 -17.70 -13.64 -21.24
CA SER A 435 -18.05 -13.04 -21.08
C SER A 435 -18.78 -12.66 -21.69
C SER A 435 -18.90 -11.78 -21.13
CHA HEM B . -0.06 4.71 6.49
CHA HEM B . 0.08 4.84 6.30
CHB HEM B . -1.15 0.53 4.28
CHB HEM B . -1.03 0.65 4.13
CHC HEM B . -4.39 2.82 1.46
CHC HEM B . -4.45 2.84 1.45
CHD HEM B . -2.93 7.03 3.36
CHD HEM B . -2.97 7.10 3.25
C1A HEM B . -0.08 3.38 6.12
C1A HEM B . 0.03 3.50 6.00
C2A HEM B . 0.75 2.32 6.69
C2A HEM B . 0.77 2.43 6.66
C3A HEM B . 0.45 1.16 6.08
C3A HEM B . 0.46 1.29 6.04
C4A HEM B . -0.59 1.47 5.11
C4A HEM B . -0.48 1.59 4.98
CMA HEM B . 1.06 -0.23 6.38
CMA HEM B . 0.99 -0.12 6.40
CAA HEM B . 1.79 2.51 7.85
CAA HEM B . 1.73 2.61 7.86
CBA HEM B . 1.07 2.27 9.20
CBA HEM B . 1.02 2.23 9.16
CGA HEM B . 1.99 2.37 10.40
CGA HEM B . 1.93 2.38 10.36
O1A HEM B . 3.12 2.92 10.26
O1A HEM B . 3.05 2.93 10.21
O2A HEM B . 1.60 1.91 11.51
O2A HEM B . 1.54 1.93 11.47
C1B HEM B . -2.14 0.80 3.33
C1B HEM B . -2.08 0.89 3.25
C2B HEM B . -2.82 -0.21 2.54
C2B HEM B . -2.81 -0.15 2.54
C3B HEM B . -3.71 0.45 1.77
C3B HEM B . -3.74 0.45 1.80
C4B HEM B . -3.62 1.85 2.06
C4B HEM B . -3.65 1.88 2.02
CMB HEM B . -2.55 -1.74 2.58
CMB HEM B . -2.51 -1.66 2.66
CAB HEM B . -4.74 -0.07 0.74
CAB HEM B . -4.81 -0.18 0.87
CBB HEM B . -5.25 -1.32 0.73
CBB HEM B . -5.12 -1.48 0.91
C1C HEM B . -4.29 4.17 1.73
C1C HEM B . -4.32 4.19 1.68
C2C HEM B . -5.03 5.22 1.07
C2C HEM B . -5.05 5.25 1.00
C3C HEM B . -4.60 6.40 1.55
C3C HEM B . -4.63 6.42 1.46
C4C HEM B . -3.60 6.11 2.58
C4C HEM B . -3.63 6.16 2.49
CMC HEM B . -6.07 4.92 -0.03
CMC HEM B . -6.10 5.02 -0.12
CAC HEM B . -5.13 7.80 1.15
CAC HEM B . -5.17 7.79 0.99
CBC HEM B . -4.33 8.87 1.01
CBC HEM B . -4.50 8.92 1.15
C1D HEM B . -2.02 6.75 4.36
C1D HEM B . -2.05 6.85 4.25
C2D HEM B . -1.28 7.76 5.13
C2D HEM B . -1.43 7.86 5.09
C3D HEM B . -0.49 7.12 6.00
C3D HEM B . -0.58 7.24 5.93
C4D HEM B . -0.69 5.70 5.81
C4D HEM B . -0.65 5.82 5.65
CMD HEM B . -1.41 9.29 4.96
CMD HEM B . -1.70 9.38 5.01
CAD HEM B . 0.47 7.73 7.05
CAD HEM B . 0.29 7.90 7.01
CBD HEM B . -0.31 7.92 8.35
CBD HEM B . -0.45 7.93 8.34
CGD HEM B . 0.42 8.61 9.49
CGD HEM B . 0.37 8.57 9.44
O1D HEM B . 1.68 8.71 9.41
O1D HEM B . 1.61 8.68 9.27
O2D HEM B . -0.23 9.02 10.50
O2D HEM B . -0.22 8.96 10.48
NA HEM B . -0.90 2.83 5.15
NA HEM B . -0.72 2.95 4.97
NB HEM B . -2.65 2.05 3.02
NB HEM B . -2.62 2.11 2.91
NC HEM B . -3.42 4.75 2.64
NC HEM B . -3.46 4.79 2.59
ND HEM B . -1.61 5.49 4.79
ND HEM B . -1.54 5.62 4.62
FE HEM B . -2.36 3.76 4.10
FE HEM B . -2.32 3.84 4.00
CAA RWZ C . 1.51 3.92 3.01
CAA RWZ C . 1.55 3.97 3.08
CAB RWZ C . 3.04 3.43 0.93
CAB RWZ C . 2.98 3.57 0.90
CAC RWZ C . 5.55 9.03 0.46
CAC RWZ C . 5.72 9.23 0.08
CAD RWZ C . 3.00 5.82 2.10
CAD RWZ C . 3.10 5.88 2.20
CAE RWZ C . 7.44 7.21 0.74
CAE RWZ C . 7.17 7.02 0.20
CAF RWZ C . 4.00 6.40 1.12
CAF RWZ C . 4.08 6.37 1.14
CAG RWZ C . 8.26 8.12 -0.16
CAG RWZ C . 8.05 7.61 -0.89
CAH RWZ C . 10.50 8.33 -1.04
CAH RWZ C . 9.85 7.26 0.60
CAI RWZ C . 11.73 7.49 -1.25
CAI RWZ C . 10.27 5.91 0.00
CAJ RWZ C . 5.13 6.95 1.95
CAJ RWZ C . 5.09 7.32 1.78
CAK RWZ C . 12.78 2.14 -2.40
CAK RWZ C . 12.17 2.54 -3.90
CAL RWZ C . 13.06 4.22 -1.11
CAL RWZ C . 10.32 3.79 -2.78
CAM RWZ C . 13.68 4.17 -3.50
CAM RWZ C . 11.80 2.33 -1.45
CAN RWZ C . 10.79 3.43 -1.65
CAN RWZ C . 12.32 5.04 -3.64
CAO RWZ C . 11.41 3.39 -4.04
CAO RWZ C . 13.76 3.54 -2.29
NAP RWZ C . 9.61 7.56 -0.16
NAP RWZ C . 9.21 8.22 -0.28
NAQ RWZ C . 11.07 6.27 -1.71
NAQ RWZ C . 11.21 6.06 -1.12
CAR RWZ C . 2.51 4.40 1.97
CAR RWZ C . 2.54 4.48 2.04
CAS RWZ C . 6.08 7.72 1.06
CAS RWZ C . 6.00 7.86 0.69
CAT RWZ C . 12.21 2.99 -1.28
CAT RWZ C . 11.38 3.86 -3.89
CAU RWZ C . 12.81 2.94 -3.69
CAU RWZ C . 12.85 2.36 -2.56
CAV RWZ C . 13.09 5.03 -2.38
CAV RWZ C . 11.01 3.62 -1.45
CAW RWZ C . 10.81 4.24 -2.95
CAW RWZ C . 13.00 4.84 -2.27
CAX RWZ C . 11.68 5.45 -2.75
CAX RWZ C . 11.95 4.80 -1.17
C1 GOL D . -9.53 -19.92 7.72
O1 GOL D . -10.31 -18.90 8.25
C2 GOL D . -10.22 -21.25 8.11
O2 GOL D . -9.58 -21.86 9.18
C3 GOL D . -10.16 -22.11 6.84
O3 GOL D . -8.96 -22.80 6.90
C1 GOL E . 21.03 9.24 8.84
C1 GOL E . 20.77 10.07 8.96
O1 GOL E . 22.25 9.80 8.42
O1 GOL E . 21.83 9.42 8.31
C2 GOL E . 19.90 10.02 8.13
C2 GOL E . 19.64 10.26 7.93
O2 GOL E . 18.86 9.18 7.73
O2 GOL E . 18.89 9.12 7.74
C3 GOL E . 19.41 11.07 9.18
C3 GOL E . 18.79 11.43 8.48
O3 GOL E . 18.51 11.91 8.52
O3 GOL E . 19.26 11.73 9.75
C TRS F . -7.42 -3.92 10.81
C1 TRS F . -6.53 -5.15 10.86
C2 TRS F . -7.89 -3.41 12.14
C3 TRS F . -8.65 -4.17 9.95
N TRS F . -6.63 -2.81 10.33
O1 TRS F . -7.16 -6.25 11.43
O2 TRS F . -7.98 -4.46 13.01
O3 TRS F . -8.42 -3.60 8.69
MG MG G . -12.56 18.80 -8.10
C FMT H . -3.62 -22.93 5.49
O1 FMT H . -2.71 -22.78 6.31
O2 FMT H . -4.25 -23.98 5.36
C FMT I . 14.11 -19.65 -7.35
O1 FMT I . 14.06 -20.25 -6.28
O2 FMT I . 13.12 -19.32 -8.00
C FMT J . 13.46 -11.04 25.09
O1 FMT J . 14.55 -11.58 24.92
O2 FMT J . 13.30 -9.94 25.63
C1 GOL K . 15.28 -18.49 17.44
C1 GOL K . 14.45 -19.18 16.74
O1 GOL K . 14.93 -17.19 17.82
O1 GOL K . 14.15 -20.47 16.29
C2 GOL K . 14.11 -19.07 16.61
C2 GOL K . 13.14 -18.56 17.27
O2 GOL K . 14.27 -20.41 16.32
O2 GOL K . 12.08 -19.46 17.23
C3 GOL K . 12.84 -18.80 17.46
C3 GOL K . 13.45 -18.09 18.71
O3 GOL K . 11.76 -19.39 16.78
O3 GOL K . 12.41 -17.24 19.08
C FMT L . -3.47 -20.68 15.56
O1 FMT L . -2.49 -21.14 14.96
O2 FMT L . -3.39 -19.88 16.48
C1 GOL M . 8.90 23.75 -1.08
C1 GOL M . 8.40 22.50 -3.63
O1 GOL M . 8.75 24.88 -1.89
O1 GOL M . 8.02 23.79 -4.04
C2 GOL M . 9.32 22.61 -2.02
C2 GOL M . 8.62 22.53 -2.09
O2 GOL M . 9.39 21.38 -1.39
O2 GOL M . 8.93 23.79 -1.62
C3 GOL M . 8.28 22.63 -3.18
C3 GOL M . 9.76 21.52 -1.84
O3 GOL M . 8.52 21.51 -3.95
O3 GOL M . 9.34 20.67 -0.82
MG MG N . -5.46 -4.07 -24.21
#